data_5HYO
#
_entry.id   5HYO
#
_cell.length_a   58.586
_cell.length_b   76.292
_cell.length_c   119.169
_cell.angle_alpha   90.00
_cell.angle_beta   90.00
_cell.angle_gamma   90.00
#
_symmetry.space_group_name_H-M   'P 21 21 21'
#
loop_
_entity.id
_entity.type
_entity.pdbx_description
1 polymer 'PEDV 3CLpro'
2 non-polymer 'ISOPROPYL ALCOHOL'
3 non-polymer (4S)-2-METHYL-2,4-PENTANEDIOL
4 non-polymer 'DIMETHYL SULFOXIDE'
5 water water
#
_entity_poly.entity_id   1
_entity_poly.type   'polypeptide(L)'
_entity_poly.pdbx_seq_one_letter_code
;AGLRKMAQPSGVVEKCIVRVCYGNMALNGLWLGDTVICPRHVIASSTTSTIDYDYALSVLRLHNFSISSGNVFLGVVGVT
MRGALLQIKVNQNNVHTPKYTYRTVRPGESFNILACYDGSAAGVYGVNMRSNYTIRGSFINGACGSPGYNINNGTVEFCY
LHQLELGSGCHVGSDLDGVMYGGYEDQPTLQVEGASSLFTENVLAFLYAALINGSTWWLSSSRIAVDRFNEWAVHNGMTT
VVNTDCFSILAAKTGVDVQRLLASIQSLHKNFGGKQILGYTSLTDEFTTGEVIRQMYGVNL
;
_entity_poly.pdbx_strand_id   A,B
#
# COMPACT_ATOMS: atom_id res chain seq x y z
N ALA A 1 14.71 -1.20 -8.57
CA ALA A 1 13.80 -0.47 -9.45
C ALA A 1 12.38 -0.52 -8.87
N GLY A 2 11.45 0.05 -9.62
CA GLY A 2 10.04 -0.11 -9.34
C GLY A 2 9.46 1.09 -8.63
N LEU A 3 8.16 1.28 -8.78
CA LEU A 3 7.51 2.32 -8.00
C LEU A 3 6.17 1.84 -7.52
N ARG A 4 5.96 1.96 -6.22
CA ARG A 4 4.78 1.48 -5.56
C ARG A 4 4.26 2.50 -4.53
N LYS A 5 2.96 2.75 -4.61
CA LYS A 5 2.29 3.53 -3.59
C LYS A 5 2.30 2.67 -2.34
N MET A 6 3.22 2.97 -1.44
CA MET A 6 3.35 2.12 -0.26
C MET A 6 3.03 2.91 1.00
N ALA A 7 3.10 2.20 2.11
CA ALA A 7 2.89 2.81 3.40
C ALA A 7 4.15 2.60 4.21
N GLN A 8 4.44 3.54 5.11
CA GLN A 8 5.45 3.27 6.11
C GLN A 8 4.98 2.14 7.05
N PRO A 9 5.91 1.50 7.79
CA PRO A 9 5.48 0.35 8.59
C PRO A 9 4.63 0.82 9.76
N SER A 10 3.58 0.08 10.09
CA SER A 10 2.53 0.58 10.95
C SER A 10 2.65 0.19 12.41
N GLY A 11 3.65 -0.64 12.69
CA GLY A 11 3.85 -1.17 14.02
C GLY A 11 3.68 -0.19 15.19
N VAL A 12 4.30 0.99 15.10
CA VAL A 12 4.32 1.91 16.23
C VAL A 12 2.93 2.51 16.49
N VAL A 13 2.12 2.60 15.45
CA VAL A 13 0.78 3.15 15.55
C VAL A 13 -0.27 2.12 15.96
N GLU A 14 -0.16 0.91 15.43
CA GLU A 14 -1.08 -0.17 15.82
C GLU A 14 -1.24 -0.30 17.35
N LYS A 15 -0.17 -0.04 18.11
CA LYS A 15 -0.25 -0.15 19.57
C LYS A 15 -0.90 1.07 20.25
N CYS A 16 -1.50 1.94 19.45
CA CYS A 16 -2.22 3.10 19.98
C CYS A 16 -3.68 3.07 19.63
N ILE A 17 -4.13 2.03 18.96
CA ILE A 17 -5.53 1.93 18.56
C ILE A 17 -6.37 1.31 19.68
N VAL A 18 -7.54 1.88 19.91
CA VAL A 18 -8.45 1.36 20.91
C VAL A 18 -9.87 1.41 20.40
N ARG A 19 -10.72 0.60 20.99
CA ARG A 19 -12.14 0.62 20.70
C ARG A 19 -12.78 1.68 21.60
N VAL A 20 -13.50 2.63 21.01
CA VAL A 20 -14.21 3.65 21.77
C VAL A 20 -15.71 3.52 21.57
N CYS A 21 -16.37 3.18 22.68
CA CYS A 21 -17.83 2.98 22.73
C CYS A 21 -18.49 3.99 23.67
N TYR A 22 -19.44 4.77 23.18
CA TYR A 22 -20.30 5.51 24.10
C TYR A 22 -21.69 4.87 24.01
N GLY A 23 -22.07 4.14 25.04
CA GLY A 23 -23.24 3.29 24.98
C GLY A 23 -22.96 1.95 24.32
N ASN A 24 -23.56 1.54 23.18
CA ASN A 24 -24.47 2.19 22.20
C ASN A 24 -23.73 2.24 20.87
N MET A 25 -22.86 3.24 20.70
CA MET A 25 -22.17 3.42 19.42
C MET A 25 -20.70 3.03 19.45
N ALA A 26 -20.13 2.75 18.28
CA ALA A 26 -18.78 2.18 18.23
C ALA A 26 -17.91 2.74 17.10
N LEU A 27 -16.67 3.03 17.44
CA LEU A 27 -15.64 3.43 16.49
C LEU A 27 -14.23 3.28 17.06
N ASN A 28 -13.25 3.77 16.31
CA ASN A 28 -11.86 3.66 16.72
C ASN A 28 -11.33 4.94 17.38
N GLY A 29 -10.40 4.76 18.32
CA GLY A 29 -9.78 5.88 19.00
C GLY A 29 -8.27 5.79 19.01
N LEU A 30 -7.59 6.91 19.27
CA LEU A 30 -6.15 6.90 19.37
C LEU A 30 -5.74 7.09 20.84
N TRP A 31 -5.02 6.15 21.38
CA TRP A 31 -4.60 6.23 22.76
C TRP A 31 -3.14 6.68 22.88
N LEU A 32 -2.98 7.98 23.15
CA LEU A 32 -1.70 8.61 23.37
C LEU A 32 -1.59 9.08 24.82
N GLY A 33 -0.53 8.64 25.49
CA GLY A 33 -0.37 8.90 26.91
C GLY A 33 -1.60 8.45 27.66
N ASP A 34 -2.16 9.34 28.48
CA ASP A 34 -3.37 8.99 29.21
C ASP A 34 -4.58 9.68 28.56
N THR A 35 -4.52 9.85 27.25
CA THR A 35 -5.64 10.44 26.50
C THR A 35 -6.08 9.54 25.35
N VAL A 36 -7.38 9.40 25.19
CA VAL A 36 -7.94 8.78 24.02
C VAL A 36 -8.57 9.85 23.15
N ILE A 37 -8.14 9.91 21.89
CA ILE A 37 -8.75 10.81 20.93
C ILE A 37 -9.58 10.04 19.91
N CYS A 38 -10.80 10.52 19.66
CA CYS A 38 -11.72 9.86 18.75
C CYS A 38 -12.67 10.90 18.15
N PRO A 39 -13.38 10.55 17.05
CA PRO A 39 -14.31 11.54 16.53
C PRO A 39 -15.45 11.77 17.55
N ARG A 40 -16.06 12.95 17.51
CA ARG A 40 -17.06 13.28 18.54
C ARG A 40 -18.44 12.74 18.20
N HIS A 41 -18.66 12.32 16.96
CA HIS A 41 -19.94 11.71 16.62
C HIS A 41 -20.07 10.32 17.25
N VAL A 42 -19.09 9.90 18.04
CA VAL A 42 -19.26 8.69 18.83
C VAL A 42 -20.39 8.82 19.88
N ILE A 43 -20.60 10.03 20.41
CA ILE A 43 -21.69 10.25 21.36
C ILE A 43 -23.00 10.56 20.65
N ALA A 44 -22.92 10.86 19.36
CA ALA A 44 -24.03 11.44 18.61
C ALA A 44 -25.14 10.44 18.39
N SER A 45 -26.30 10.96 18.02
CA SER A 45 -27.50 10.13 17.79
C SER A 45 -27.19 8.96 16.87
N SER A 46 -27.62 7.77 17.27
CA SER A 46 -27.42 6.57 16.45
C SER A 46 -28.19 6.64 15.14
N THR A 47 -28.07 7.79 14.48
CA THR A 47 -28.18 8.03 13.02
C THR A 47 -29.51 8.63 12.51
N THR A 48 -30.29 9.27 13.38
CA THR A 48 -31.55 9.91 12.93
C THR A 48 -31.96 11.14 13.75
N SER A 49 -31.61 12.35 13.34
CA SER A 49 -30.68 12.63 12.26
C SER A 49 -29.63 13.55 12.86
N THR A 50 -29.73 14.84 12.60
CA THR A 50 -28.70 15.82 12.94
C THR A 50 -28.34 15.86 14.44
N ILE A 51 -27.09 16.25 14.71
CA ILE A 51 -26.45 16.18 16.01
C ILE A 51 -26.35 17.56 16.62
N ASP A 52 -27.10 17.76 17.69
CA ASP A 52 -26.90 18.91 18.53
C ASP A 52 -25.82 18.49 19.52
N TYR A 53 -24.58 18.86 19.21
CA TYR A 53 -23.48 18.36 20.02
C TYR A 53 -23.47 18.95 21.43
N ASP A 54 -23.94 20.19 21.59
CA ASP A 54 -24.02 20.75 22.94
C ASP A 54 -25.00 19.93 23.78
N TYR A 55 -26.12 19.56 23.17
CA TYR A 55 -27.13 18.77 23.83
C TYR A 55 -26.50 17.43 24.24
N ALA A 56 -25.89 16.75 23.28
CA ALA A 56 -25.24 15.44 23.50
C ALA A 56 -24.22 15.53 24.63
N LEU A 57 -23.46 16.62 24.63
CA LEU A 57 -22.40 16.82 25.60
C LEU A 57 -22.90 17.12 27.03
N SER A 58 -23.87 18.02 27.16
CA SER A 58 -24.40 18.44 28.47
C SER A 58 -24.95 17.27 29.26
N VAL A 59 -25.34 16.25 28.50
CA VAL A 59 -26.13 15.14 28.97
C VAL A 59 -25.24 13.90 29.16
N LEU A 60 -23.99 14.02 28.74
CA LEU A 60 -23.03 12.91 28.75
C LEU A 60 -22.62 12.40 30.14
N ARG A 61 -22.52 11.08 30.28
CA ARG A 61 -21.87 10.50 31.45
C ARG A 61 -20.62 9.70 31.07
N LEU A 62 -19.54 9.94 31.81
CA LEU A 62 -18.26 9.28 31.58
C LEU A 62 -18.33 7.75 31.59
N HIS A 63 -19.10 7.19 32.52
CA HIS A 63 -19.20 5.74 32.63
C HIS A 63 -20.03 5.12 31.49
N ASN A 64 -20.68 5.96 30.67
CA ASN A 64 -21.28 5.48 29.43
C ASN A 64 -20.24 5.26 28.32
N PHE A 65 -18.97 5.28 28.71
CA PHE A 65 -17.85 5.04 27.82
C PHE A 65 -17.21 3.71 28.13
N SER A 66 -17.31 2.75 27.21
CA SER A 66 -16.44 1.60 27.28
C SER A 66 -15.34 1.78 26.24
N ILE A 67 -14.10 1.70 26.71
CA ILE A 67 -12.94 1.90 25.87
C ILE A 67 -11.93 0.77 26.04
N SER A 68 -11.87 -0.13 25.06
CA SER A 68 -11.01 -1.30 25.14
C SER A 68 -9.78 -1.22 24.24
N SER A 69 -8.60 -1.26 24.85
CA SER A 69 -7.37 -1.56 24.14
C SER A 69 -7.23 -3.07 24.04
N GLY A 70 -7.70 -3.61 22.91
CA GLY A 70 -7.80 -5.05 22.74
C GLY A 70 -8.64 -5.67 23.83
N ASN A 71 -7.96 -6.25 24.80
CA ASN A 71 -8.61 -6.96 25.91
C ASN A 71 -9.11 -6.07 27.05
N VAL A 72 -8.26 -5.15 27.51
CA VAL A 72 -8.60 -4.29 28.65
C VAL A 72 -9.53 -3.11 28.36
N PHE A 73 -10.58 -2.99 29.19
CA PHE A 73 -11.42 -1.82 29.16
C PHE A 73 -10.74 -0.70 29.93
N LEU A 74 -10.66 0.47 29.31
CA LEU A 74 -10.10 1.64 29.97
C LEU A 74 -11.20 2.43 30.67
N GLY A 75 -10.82 3.09 31.75
CA GLY A 75 -11.73 3.84 32.60
C GLY A 75 -11.65 5.33 32.38
N VAL A 76 -12.80 5.93 32.15
CA VAL A 76 -12.89 7.32 31.75
C VAL A 76 -13.00 8.28 32.92
N VAL A 77 -12.00 9.14 33.06
CA VAL A 77 -11.99 10.13 34.13
C VAL A 77 -12.52 11.52 33.72
N GLY A 78 -12.65 11.77 32.43
CA GLY A 78 -13.14 13.05 31.95
C GLY A 78 -12.95 13.22 30.46
N VAL A 79 -13.59 14.25 29.89
CA VAL A 79 -13.61 14.45 28.45
C VAL A 79 -13.58 15.94 28.05
N THR A 80 -12.87 16.27 26.97
CA THR A 80 -12.87 17.60 26.38
C THR A 80 -13.09 17.56 24.88
N MET A 81 -13.91 18.47 24.36
CA MET A 81 -14.17 18.53 22.93
C MET A 81 -13.32 19.60 22.25
N ARG A 82 -12.64 19.21 21.16
CA ARG A 82 -11.88 20.12 20.33
C ARG A 82 -12.32 19.97 18.89
N GLY A 83 -12.94 21.00 18.33
CA GLY A 83 -13.42 20.87 16.96
C GLY A 83 -14.28 19.62 16.85
N ALA A 84 -13.92 18.73 15.93
CA ALA A 84 -14.69 17.50 15.74
C ALA A 84 -14.11 16.28 16.45
N LEU A 85 -13.34 16.51 17.50
CA LEU A 85 -12.81 15.41 18.28
C LEU A 85 -13.18 15.46 19.72
N LEU A 86 -13.05 14.30 20.36
CA LEU A 86 -13.09 14.17 21.80
C LEU A 86 -11.73 13.79 22.27
N GLN A 87 -11.25 14.46 23.31
CA GLN A 87 -10.08 13.96 24.01
C GLN A 87 -10.53 13.45 25.38
N ILE A 88 -10.35 12.15 25.58
CA ILE A 88 -10.85 11.45 26.75
C ILE A 88 -9.68 11.07 27.63
N LYS A 89 -9.66 11.58 28.86
CA LYS A 89 -8.60 11.21 29.78
C LYS A 89 -8.93 9.83 30.38
N VAL A 90 -7.91 9.03 30.68
CA VAL A 90 -8.10 7.65 31.15
C VAL A 90 -7.27 7.37 32.39
N ASN A 91 -7.40 6.15 32.94
CA ASN A 91 -6.69 5.76 34.16
C ASN A 91 -5.19 5.61 33.92
N GLN A 92 -4.84 5.09 32.75
CA GLN A 92 -3.48 4.64 32.52
C GLN A 92 -2.80 5.27 31.31
N ASN A 93 -1.49 5.44 31.45
CA ASN A 93 -0.61 5.94 30.41
C ASN A 93 -0.22 4.85 29.39
N ASN A 94 -0.69 4.95 28.15
CA ASN A 94 -0.28 4.05 27.06
C ASN A 94 1.24 3.87 27.04
N VAL A 95 1.68 2.76 27.63
CA VAL A 95 3.09 2.37 27.73
C VAL A 95 3.88 2.52 26.42
N HIS A 96 3.23 2.20 25.30
CA HIS A 96 3.85 2.21 23.98
C HIS A 96 3.69 3.51 23.23
N THR A 97 3.26 4.56 23.93
CA THR A 97 3.13 5.87 23.31
C THR A 97 4.45 6.28 22.70
N PRO A 98 4.46 6.50 21.37
CA PRO A 98 5.69 6.90 20.69
C PRO A 98 5.90 8.39 20.79
N LYS A 99 7.08 8.87 20.43
CA LYS A 99 7.20 10.29 20.28
C LYS A 99 6.32 10.73 19.14
N TYR A 100 5.44 11.66 19.43
CA TYR A 100 4.53 12.06 18.38
C TYR A 100 4.35 13.54 18.31
N THR A 101 3.53 13.93 17.35
CA THR A 101 3.39 15.32 17.00
C THR A 101 2.16 15.37 16.09
N TYR A 102 1.55 16.56 15.97
CA TYR A 102 0.44 16.78 15.06
C TYR A 102 0.88 17.70 13.94
N ARG A 103 0.36 17.47 12.73
CA ARG A 103 0.57 18.39 11.63
C ARG A 103 -0.57 18.28 10.62
N THR A 104 -0.96 19.41 10.06
CA THR A 104 -2.06 19.42 9.12
C THR A 104 -1.51 19.33 7.72
N VAL A 105 -2.03 18.42 6.91
CA VAL A 105 -1.46 18.25 5.59
C VAL A 105 -2.09 19.22 4.60
N ARG A 106 -1.28 19.62 3.62
CA ARG A 106 -1.67 20.46 2.49
C ARG A 106 -2.13 19.57 1.33
N PRO A 107 -3.05 20.09 0.50
CA PRO A 107 -3.45 19.37 -0.72
C PRO A 107 -2.25 18.97 -1.55
N GLY A 108 -2.21 17.74 -2.05
CA GLY A 108 -1.10 17.25 -2.87
C GLY A 108 0.03 16.59 -2.06
N GLU A 109 -0.13 16.56 -0.74
CA GLU A 109 0.81 15.85 0.13
C GLU A 109 0.32 14.43 0.41
N SER A 110 1.26 13.51 0.56
CA SER A 110 0.99 12.10 0.83
C SER A 110 1.08 11.79 2.32
N PHE A 111 0.38 10.74 2.75
CA PHE A 111 0.54 10.25 4.10
C PHE A 111 0.01 8.82 4.16
N ASN A 112 0.17 8.19 5.30
CA ASN A 112 -0.32 6.84 5.54
C ASN A 112 -1.70 6.85 6.19
N ILE A 113 -2.54 5.90 5.79
CA ILE A 113 -3.81 5.58 6.44
C ILE A 113 -3.73 4.19 7.06
N LEU A 114 -4.07 4.12 8.34
CA LEU A 114 -4.16 2.85 9.01
C LEU A 114 -5.66 2.58 9.26
N ALA A 115 -6.23 1.74 8.38
CA ALA A 115 -7.65 1.45 8.41
C ALA A 115 -7.97 0.49 9.53
N CYS A 116 -8.68 1.02 10.53
CA CYS A 116 -9.03 0.30 11.76
C CYS A 116 -10.52 -0.06 11.85
N TYR A 117 -10.77 -1.17 12.53
CA TYR A 117 -12.10 -1.71 12.73
C TYR A 117 -12.04 -2.41 14.08
N ASP A 118 -13.06 -2.16 14.91
CA ASP A 118 -13.21 -2.75 16.25
C ASP A 118 -12.03 -2.41 17.12
N GLY A 119 -11.47 -1.23 16.90
CA GLY A 119 -10.37 -0.79 17.71
C GLY A 119 -9.07 -1.52 17.47
N SER A 120 -8.87 -1.99 16.23
CA SER A 120 -7.51 -2.48 15.87
C SER A 120 -7.24 -2.52 14.37
N ALA A 121 -5.96 -2.32 14.02
CA ALA A 121 -5.52 -2.20 12.63
C ALA A 121 -5.88 -3.43 11.80
N ALA A 122 -6.48 -3.19 10.63
CA ALA A 122 -6.80 -4.25 9.66
C ALA A 122 -6.10 -4.02 8.32
N GLY A 123 -5.76 -2.78 8.02
CA GLY A 123 -5.08 -2.49 6.78
C GLY A 123 -4.36 -1.15 6.79
N VAL A 124 -3.35 -1.04 5.93
CA VAL A 124 -2.54 0.15 5.82
C VAL A 124 -2.18 0.42 4.35
N TYR A 125 -2.24 1.68 3.96
CA TYR A 125 -2.01 2.06 2.57
C TYR A 125 -1.70 3.55 2.50
N GLY A 126 -1.00 3.94 1.43
CA GLY A 126 -0.57 5.32 1.26
C GLY A 126 -1.67 6.06 0.51
N VAL A 127 -1.86 7.34 0.81
CA VAL A 127 -2.79 8.17 0.05
C VAL A 127 -2.15 9.52 -0.26
N ASN A 128 -2.87 10.33 -1.03
CA ASN A 128 -2.46 11.69 -1.26
C ASN A 128 -3.68 12.62 -1.15
N MET A 129 -3.51 13.76 -0.51
CA MET A 129 -4.64 14.65 -0.22
C MET A 129 -5.01 15.39 -1.50
N ARG A 130 -6.24 15.20 -1.95
CA ARG A 130 -6.74 15.81 -3.18
C ARG A 130 -7.03 17.29 -2.95
N SER A 131 -7.12 18.05 -4.04
CA SER A 131 -7.16 19.50 -3.94
C SER A 131 -8.45 20.00 -3.30
N ASN A 132 -9.44 19.12 -3.12
CA ASN A 132 -10.69 19.50 -2.45
C ASN A 132 -10.74 18.94 -1.03
N TYR A 133 -9.55 18.67 -0.49
CA TYR A 133 -9.35 18.26 0.92
C TYR A 133 -10.01 16.94 1.28
N THR A 134 -10.28 16.13 0.28
CA THR A 134 -10.67 14.75 0.53
C THR A 134 -9.51 13.84 0.08
N ILE A 135 -9.64 12.55 0.35
CA ILE A 135 -8.72 11.53 -0.12
C ILE A 135 -9.55 10.40 -0.74
N ARG A 136 -8.98 9.69 -1.70
CA ARG A 136 -9.67 8.53 -2.24
C ARG A 136 -9.17 7.32 -1.47
N GLY A 137 -9.91 6.98 -0.43
CA GLY A 137 -9.50 5.97 0.51
C GLY A 137 -10.19 4.64 0.25
N SER A 138 -10.03 3.74 1.21
CA SER A 138 -10.80 2.52 1.19
C SER A 138 -11.23 2.25 2.61
N PHE A 139 -12.51 2.54 2.86
CA PHE A 139 -13.15 2.31 4.15
C PHE A 139 -14.55 1.72 3.96
N ILE A 140 -14.97 0.86 4.87
CA ILE A 140 -16.38 0.55 4.97
C ILE A 140 -16.83 0.84 6.40
N ASN A 141 -18.11 0.58 6.68
CA ASN A 141 -18.68 0.89 7.98
C ASN A 141 -17.79 0.43 9.13
N GLY A 142 -17.65 1.28 10.14
CA GLY A 142 -16.85 0.95 11.30
C GLY A 142 -15.47 1.61 11.30
N ALA A 143 -15.16 2.30 10.21
CA ALA A 143 -13.80 2.80 9.97
C ALA A 143 -13.50 4.15 10.67
N CYS A 144 -14.53 4.86 11.12
CA CYS A 144 -14.32 6.19 11.70
C CYS A 144 -13.33 6.16 12.85
N GLY A 145 -12.50 7.20 12.92
CA GLY A 145 -11.42 7.21 13.90
C GLY A 145 -10.08 6.64 13.38
N SER A 146 -10.09 6.02 12.19
CA SER A 146 -8.87 5.44 11.61
C SER A 146 -7.80 6.54 11.46
N PRO A 147 -6.62 6.33 12.04
CA PRO A 147 -5.64 7.42 11.96
C PRO A 147 -4.93 7.53 10.62
N GLY A 148 -4.52 8.74 10.27
CA GLY A 148 -3.55 8.99 9.22
C GLY A 148 -2.30 9.67 9.79
N TYR A 149 -1.13 9.25 9.31
CA TYR A 149 0.15 9.66 9.90
C TYR A 149 1.31 9.64 8.87
N ASN A 150 2.39 10.34 9.20
CA ASN A 150 3.69 10.19 8.58
C ASN A 150 4.73 9.91 9.65
N ILE A 151 5.63 8.97 9.39
CA ILE A 151 6.72 8.72 10.33
C ILE A 151 7.96 9.42 9.84
N ASN A 152 8.40 10.44 10.57
CA ASN A 152 9.62 11.16 10.25
C ASN A 152 10.69 10.80 11.27
N ASN A 153 11.60 9.92 10.87
CA ASN A 153 12.72 9.47 11.71
C ASN A 153 12.41 9.22 13.18
N GLY A 154 11.55 8.24 13.45
CA GLY A 154 11.18 7.95 14.82
C GLY A 154 9.90 8.63 15.23
N THR A 155 9.77 9.93 14.90
CA THR A 155 8.58 10.69 15.28
C THR A 155 7.38 10.35 14.41
N VAL A 156 6.31 9.89 15.05
CA VAL A 156 5.02 9.73 14.39
C VAL A 156 4.31 11.07 14.27
N GLU A 157 3.95 11.44 13.05
CA GLU A 157 3.35 12.73 12.80
C GLU A 157 1.88 12.51 12.41
N PHE A 158 1.00 12.72 13.38
CA PHE A 158 -0.42 12.49 13.17
C PHE A 158 -1.05 13.63 12.39
N CYS A 159 -1.63 13.29 11.24
CA CYS A 159 -2.26 14.30 10.37
C CYS A 159 -3.72 14.03 10.01
N TYR A 160 -4.30 12.91 10.46
CA TYR A 160 -5.63 12.59 9.98
C TYR A 160 -6.39 11.60 10.85
N LEU A 161 -7.66 11.95 11.07
CA LEU A 161 -8.61 11.15 11.82
C LEU A 161 -9.87 11.01 10.98
N HIS A 162 -10.19 9.77 10.58
CA HIS A 162 -11.25 9.58 9.62
C HIS A 162 -12.61 9.96 10.23
N GLN A 163 -13.40 10.71 9.49
CA GLN A 163 -14.66 11.24 10.00
C GLN A 163 -15.87 10.77 9.20
N LEU A 164 -15.83 10.92 7.89
CA LEU A 164 -16.99 10.55 7.09
C LEU A 164 -16.67 10.30 5.62
N GLU A 165 -17.65 9.71 4.95
CA GLU A 165 -17.61 9.48 3.52
C GLU A 165 -18.74 10.26 2.84
N LEU A 166 -18.40 10.98 1.78
CA LEU A 166 -19.39 11.75 1.05
C LEU A 166 -20.16 10.84 0.09
N GLY A 167 -21.20 11.41 -0.54
CA GLY A 167 -22.03 10.67 -1.47
C GLY A 167 -21.19 10.04 -2.57
N SER A 168 -20.12 10.74 -2.95
CA SER A 168 -19.26 10.30 -4.03
C SER A 168 -18.33 9.12 -3.68
N GLY A 169 -18.20 8.81 -2.40
CA GLY A 169 -17.25 7.79 -1.98
C GLY A 169 -15.96 8.41 -1.51
N CYS A 170 -15.86 9.74 -1.67
CA CYS A 170 -14.80 10.54 -1.08
C CYS A 170 -14.74 10.35 0.42
N HIS A 171 -13.56 10.55 0.99
CA HIS A 171 -13.42 10.39 2.43
C HIS A 171 -12.92 11.69 3.03
N VAL A 172 -13.45 12.01 4.19
CA VAL A 172 -13.18 13.27 4.84
C VAL A 172 -12.76 12.97 6.26
N GLY A 173 -11.80 13.73 6.76
CA GLY A 173 -11.37 13.51 8.13
C GLY A 173 -10.99 14.84 8.72
N SER A 174 -10.56 14.85 9.96
CA SER A 174 -10.10 16.11 10.55
C SER A 174 -8.65 15.94 10.92
N ASP A 175 -7.95 17.05 11.21
CA ASP A 175 -6.60 16.92 11.73
C ASP A 175 -6.72 16.58 13.20
N LEU A 176 -5.60 16.35 13.87
CA LEU A 176 -5.71 15.91 15.26
C LEU A 176 -6.02 17.10 16.18
N ASP A 177 -6.22 18.27 15.60
CA ASP A 177 -6.74 19.40 16.39
C ASP A 177 -8.25 19.58 16.26
N GLY A 178 -8.92 18.64 15.62
CA GLY A 178 -10.35 18.72 15.48
C GLY A 178 -10.81 19.55 14.30
N VAL A 179 -9.86 20.12 13.56
CA VAL A 179 -10.22 20.88 12.36
C VAL A 179 -10.59 19.96 11.23
N MET A 180 -11.83 20.04 10.80
CA MET A 180 -12.30 19.38 9.58
C MET A 180 -11.56 19.82 8.33
N TYR A 181 -10.87 18.89 7.68
CA TYR A 181 -10.30 19.20 6.37
C TYR A 181 -11.37 19.72 5.42
N GLY A 182 -11.05 20.82 4.73
CA GLY A 182 -11.92 21.37 3.70
C GLY A 182 -13.24 21.97 4.15
N GLY A 183 -13.44 22.17 5.44
CA GLY A 183 -14.62 22.88 5.91
C GLY A 183 -15.89 22.07 6.03
N TYR A 184 -15.83 20.79 5.69
CA TYR A 184 -16.95 19.88 5.84
C TYR A 184 -17.38 19.75 7.31
N GLU A 185 -18.58 19.20 7.54
CA GLU A 185 -19.15 19.11 8.88
C GLU A 185 -19.30 17.66 9.37
N ASP A 186 -18.97 17.39 10.63
CA ASP A 186 -19.10 16.03 11.14
C ASP A 186 -20.57 15.75 11.46
N GLN A 187 -21.38 15.84 10.42
CA GLN A 187 -22.82 15.83 10.52
C GLN A 187 -23.34 14.75 9.58
N PRO A 188 -24.35 13.96 10.02
CA PRO A 188 -25.01 12.98 9.15
C PRO A 188 -25.78 13.66 8.02
N THR A 189 -25.54 14.95 7.88
CA THR A 189 -26.20 15.79 6.90
C THR A 189 -25.74 15.46 5.49
N LEU A 190 -26.68 15.57 4.55
CA LEU A 190 -26.37 15.57 3.13
C LEU A 190 -25.23 16.54 2.83
N GLN A 191 -24.14 16.06 2.24
CA GLN A 191 -22.99 16.94 1.98
C GLN A 191 -22.32 16.79 0.61
N VAL A 192 -21.85 17.93 0.10
CA VAL A 192 -21.36 18.04 -1.26
C VAL A 192 -19.83 18.03 -1.26
N GLU A 193 -19.23 17.65 -2.40
CA GLU A 193 -17.79 17.55 -2.53
C GLU A 193 -17.26 18.59 -3.49
N GLY A 194 -16.19 19.30 -3.11
CA GLY A 194 -15.61 20.31 -3.98
C GLY A 194 -15.06 19.76 -5.30
N ALA A 195 -14.67 20.67 -6.19
CA ALA A 195 -14.14 20.26 -7.47
C ALA A 195 -12.64 20.07 -7.32
N SER A 196 -12.14 18.92 -7.75
CA SER A 196 -10.71 18.64 -7.61
C SER A 196 -9.98 18.77 -8.93
N SER A 197 -8.67 18.83 -8.85
CA SER A 197 -7.82 18.86 -10.03
C SER A 197 -6.47 18.20 -9.75
N LEU A 198 -6.04 17.32 -10.65
CA LEU A 198 -4.78 16.58 -10.56
C LEU A 198 -3.58 17.50 -10.38
N PHE A 199 -2.69 17.16 -9.44
CA PHE A 199 -1.48 17.93 -9.17
C PHE A 199 -0.39 17.62 -10.23
N THR A 200 -0.12 18.61 -11.07
CA THR A 200 0.72 18.41 -12.23
C THR A 200 2.12 18.07 -11.75
N GLU A 201 2.53 18.78 -10.69
CA GLU A 201 3.78 18.55 -9.96
C GLU A 201 4.01 17.07 -9.72
N ASN A 202 2.99 16.44 -9.11
CA ASN A 202 3.01 15.04 -8.80
C ASN A 202 3.04 14.15 -10.04
N VAL A 203 2.31 14.56 -11.07
CA VAL A 203 2.28 13.81 -12.31
C VAL A 203 3.68 13.79 -12.93
N LEU A 204 4.33 14.95 -12.89
CA LEU A 204 5.69 15.10 -13.36
C LEU A 204 6.63 14.16 -12.61
N ALA A 205 6.55 14.21 -11.27
CA ALA A 205 7.33 13.33 -10.42
C ALA A 205 7.19 11.88 -10.90
N PHE A 206 5.93 11.47 -11.08
CA PHE A 206 5.63 10.12 -11.54
C PHE A 206 6.30 9.81 -12.90
N LEU A 207 6.20 10.74 -13.84
CA LEU A 207 6.70 10.51 -15.20
C LEU A 207 8.22 10.44 -15.18
N TYR A 208 8.84 11.31 -14.39
CA TYR A 208 10.28 11.20 -14.18
C TYR A 208 10.63 9.81 -13.60
N ALA A 209 9.85 9.32 -12.62
CA ALA A 209 10.09 7.98 -12.09
C ALA A 209 10.01 6.93 -13.20
N ALA A 210 9.04 7.09 -14.09
CA ALA A 210 8.86 6.15 -15.20
C ALA A 210 10.11 6.11 -16.09
N LEU A 211 10.68 7.29 -16.35
CA LEU A 211 11.86 7.40 -17.21
C LEU A 211 13.03 6.66 -16.57
N ILE A 212 13.33 7.04 -15.34
CA ILE A 212 14.37 6.39 -14.54
C ILE A 212 14.20 4.88 -14.57
N ASN A 213 12.95 4.41 -14.73
CA ASN A 213 12.68 2.99 -14.78
C ASN A 213 12.59 2.48 -16.21
N GLY A 214 12.95 3.31 -17.18
CA GLY A 214 12.97 2.87 -18.56
C GLY A 214 11.61 2.63 -19.20
N SER A 215 10.60 3.34 -18.71
CA SER A 215 9.29 3.35 -19.36
C SER A 215 9.21 4.60 -20.21
N THR A 216 9.32 4.43 -21.52
CA THR A 216 9.59 5.57 -22.40
C THR A 216 8.80 5.63 -23.71
N TRP A 217 7.77 4.80 -23.85
CA TRP A 217 6.92 4.85 -25.04
C TRP A 217 6.13 6.16 -25.09
N TRP A 218 5.65 6.57 -23.92
CA TRP A 218 4.70 7.66 -23.76
C TRP A 218 5.34 9.03 -23.98
N LEU A 219 6.67 9.08 -24.08
CA LEU A 219 7.38 10.35 -24.02
C LEU A 219 7.28 11.13 -25.33
N SER A 220 6.87 12.38 -25.22
CA SER A 220 6.59 13.22 -26.40
C SER A 220 7.84 13.55 -27.20
N SER A 221 7.65 13.80 -28.49
CA SER A 221 8.70 14.35 -29.32
C SER A 221 8.74 15.87 -29.16
N SER A 222 7.76 16.43 -28.46
CA SER A 222 7.60 17.87 -28.42
C SER A 222 7.85 18.54 -27.07
N ARG A 223 7.95 19.86 -27.13
CA ARG A 223 8.02 20.72 -25.98
C ARG A 223 6.75 21.55 -25.92
N ILE A 224 6.43 22.03 -24.73
CA ILE A 224 5.49 23.13 -24.61
C ILE A 224 5.98 24.05 -23.52
N ALA A 225 6.00 25.35 -23.80
CA ALA A 225 6.38 26.34 -22.79
C ALA A 225 5.51 26.18 -21.55
N VAL A 226 6.07 26.50 -20.40
CA VAL A 226 5.36 26.34 -19.14
C VAL A 226 4.08 27.17 -19.16
N ASP A 227 4.19 28.38 -19.71
CA ASP A 227 3.09 29.34 -19.81
C ASP A 227 1.93 28.74 -20.59
N ARG A 228 2.26 28.22 -21.76
CA ARG A 228 1.26 27.62 -22.64
C ARG A 228 0.60 26.43 -21.96
N PHE A 229 1.36 25.64 -21.21
CA PHE A 229 0.75 24.53 -20.49
C PHE A 229 -0.26 25.02 -19.48
N ASN A 230 0.14 26.00 -18.68
CA ASN A 230 -0.70 26.53 -17.62
C ASN A 230 -2.06 27.00 -18.15
N GLU A 231 -2.04 27.58 -19.34
CA GLU A 231 -3.26 28.00 -20.01
C GLU A 231 -4.15 26.78 -20.29
N TRP A 232 -3.57 25.73 -20.85
CA TRP A 232 -4.34 24.53 -21.16
C TRP A 232 -4.87 23.86 -19.88
N ALA A 233 -3.97 23.69 -18.90
CA ALA A 233 -4.26 22.98 -17.65
C ALA A 233 -5.52 23.47 -16.91
N VAL A 234 -5.73 24.78 -16.86
CA VAL A 234 -6.92 25.28 -16.14
C VAL A 234 -8.27 25.02 -16.88
N HIS A 235 -8.20 24.57 -18.12
CA HIS A 235 -9.37 24.07 -18.84
C HIS A 235 -9.46 22.55 -18.77
N ASN A 236 -8.44 21.92 -18.20
CA ASN A 236 -8.43 20.47 -18.18
C ASN A 236 -8.15 19.83 -16.80
N GLY A 237 -8.67 20.46 -15.75
CA GLY A 237 -8.63 19.89 -14.40
C GLY A 237 -7.24 19.53 -13.91
N MET A 238 -6.25 20.33 -14.29
CA MET A 238 -4.89 20.17 -13.85
C MET A 238 -4.36 21.46 -13.29
N THR A 239 -3.53 21.37 -12.26
CA THR A 239 -2.98 22.52 -11.59
C THR A 239 -1.92 23.17 -12.47
N THR A 240 -1.65 24.45 -12.26
CA THR A 240 -0.59 25.13 -13.00
C THR A 240 0.71 24.84 -12.31
N VAL A 241 1.79 24.85 -13.09
CA VAL A 241 3.11 24.71 -12.53
C VAL A 241 3.79 26.08 -12.49
N VAL A 242 4.29 26.44 -11.32
CA VAL A 242 4.89 27.75 -11.13
C VAL A 242 6.27 27.68 -10.49
N ASN A 243 6.69 26.52 -10.03
CA ASN A 243 8.08 26.38 -9.61
C ASN A 243 8.72 25.16 -10.23
N THR A 244 9.77 25.40 -11.00
CA THR A 244 10.44 24.37 -11.79
C THR A 244 11.47 23.59 -10.99
N ASP A 245 11.92 24.18 -9.88
CA ASP A 245 13.14 23.78 -9.18
C ASP A 245 13.21 22.31 -8.78
N CYS A 246 12.14 21.79 -8.17
CA CYS A 246 12.17 20.47 -7.55
C CYS A 246 12.35 19.30 -8.53
N PHE A 247 12.66 19.60 -9.78
CA PHE A 247 12.84 18.56 -10.78
C PHE A 247 14.23 18.56 -11.40
N SER A 248 15.13 19.38 -10.87
CA SER A 248 16.45 19.53 -11.45
C SER A 248 17.26 18.22 -11.42
N ILE A 249 17.29 17.55 -10.27
CA ILE A 249 18.01 16.28 -10.13
C ILE A 249 17.49 15.24 -11.12
N LEU A 250 16.17 15.20 -11.27
CA LEU A 250 15.54 14.22 -12.15
C LEU A 250 15.77 14.56 -13.61
N ALA A 251 15.73 15.86 -13.92
CA ALA A 251 15.94 16.31 -15.29
C ALA A 251 17.39 16.06 -15.64
N ALA A 252 18.23 16.23 -14.64
CA ALA A 252 19.66 15.94 -14.74
C ALA A 252 19.89 14.49 -15.18
N LYS A 253 19.45 13.54 -14.35
CA LYS A 253 19.68 12.12 -14.56
C LYS A 253 19.08 11.60 -15.89
N THR A 254 17.88 12.06 -16.24
CA THR A 254 17.20 11.58 -17.45
C THR A 254 17.63 12.35 -18.69
N GLY A 255 18.06 13.60 -18.47
CA GLY A 255 18.37 14.49 -19.57
C GLY A 255 17.12 15.07 -20.20
N VAL A 256 15.97 14.85 -19.55
CA VAL A 256 14.68 15.22 -20.13
C VAL A 256 14.03 16.35 -19.32
N ASP A 257 13.70 17.45 -20.00
CA ASP A 257 13.19 18.64 -19.30
C ASP A 257 11.68 18.59 -19.09
N VAL A 258 11.20 19.38 -18.14
CA VAL A 258 9.78 19.33 -17.79
C VAL A 258 8.90 19.74 -18.96
N GLN A 259 9.39 20.65 -19.81
CA GLN A 259 8.58 21.15 -20.93
C GLN A 259 8.27 20.02 -21.90
N ARG A 260 9.15 19.03 -21.92
CA ARG A 260 8.94 17.84 -22.74
C ARG A 260 7.91 16.92 -22.08
N LEU A 261 7.95 16.85 -20.75
CA LEU A 261 6.98 16.07 -20.00
C LEU A 261 5.58 16.72 -20.07
N LEU A 262 5.53 18.05 -19.95
CA LEU A 262 4.27 18.77 -20.09
C LEU A 262 3.56 18.40 -21.38
N ALA A 263 4.32 18.36 -22.48
CA ALA A 263 3.74 18.02 -23.77
C ALA A 263 3.24 16.59 -23.75
N SER A 264 3.92 15.75 -22.98
CA SER A 264 3.57 14.35 -22.83
C SER A 264 2.26 14.20 -22.03
N ILE A 265 2.10 15.06 -21.03
CA ILE A 265 0.89 15.00 -20.22
C ILE A 265 -0.33 15.36 -21.07
N GLN A 266 -0.26 16.45 -21.83
CA GLN A 266 -1.33 16.81 -22.79
C GLN A 266 -1.66 15.65 -23.72
N SER A 267 -0.62 15.02 -24.27
CA SER A 267 -0.79 13.94 -25.23
C SER A 267 -1.46 12.74 -24.61
N LEU A 268 -1.10 12.45 -23.36
CA LEU A 268 -1.69 11.32 -22.67
C LEU A 268 -3.12 11.63 -22.23
N HIS A 269 -3.43 12.91 -22.01
CA HIS A 269 -4.78 13.32 -21.64
C HIS A 269 -5.82 12.89 -22.69
N LYS A 270 -5.61 13.27 -23.95
CA LYS A 270 -6.35 12.66 -25.06
C LYS A 270 -5.74 11.29 -25.31
N ASN A 271 -6.42 10.26 -24.83
CA ASN A 271 -5.78 9.05 -24.33
C ASN A 271 -4.94 8.21 -25.29
N PHE A 272 -4.36 7.14 -24.74
CA PHE A 272 -2.99 6.73 -25.10
C PHE A 272 -2.75 5.66 -26.20
N GLY A 273 -3.41 4.50 -26.23
CA GLY A 273 -4.39 4.02 -25.27
C GLY A 273 -4.05 2.60 -24.80
N GLY A 274 -2.92 2.08 -25.27
CA GLY A 274 -2.52 0.71 -24.96
C GLY A 274 -1.50 0.52 -23.85
N LYS A 275 -2.00 0.26 -22.64
CA LYS A 275 -1.26 -0.36 -21.52
C LYS A 275 -0.48 0.61 -20.59
N GLN A 276 0.34 0.03 -19.71
CA GLN A 276 0.71 0.64 -18.43
C GLN A 276 1.95 1.54 -18.36
N ILE A 277 1.95 2.40 -17.35
CA ILE A 277 3.13 3.16 -16.92
C ILE A 277 3.42 2.75 -15.47
N LEU A 278 4.47 1.96 -15.27
CA LEU A 278 4.85 1.42 -13.96
C LEU A 278 3.71 0.71 -13.23
N GLY A 279 2.76 0.17 -13.99
CA GLY A 279 1.61 -0.52 -13.43
C GLY A 279 0.32 0.29 -13.33
N TYR A 280 0.41 1.60 -13.55
CA TYR A 280 -0.71 2.52 -13.29
C TYR A 280 -1.54 2.91 -14.53
N THR A 281 -2.44 3.90 -14.34
CA THR A 281 -3.39 4.35 -15.36
C THR A 281 -2.87 5.43 -16.28
N SER A 282 -1.93 5.05 -17.12
CA SER A 282 -1.07 6.02 -17.75
C SER A 282 -0.63 7.00 -16.65
N LEU A 283 -1.50 7.96 -16.33
CA LEU A 283 -1.17 9.02 -15.38
C LEU A 283 -1.71 8.78 -13.99
N THR A 284 -0.98 9.27 -12.99
CA THR A 284 -1.47 9.35 -11.62
C THR A 284 -0.81 10.54 -10.94
N ASP A 285 -1.52 11.17 -10.01
CA ASP A 285 -0.90 12.26 -9.27
C ASP A 285 -0.77 11.93 -7.79
N GLU A 286 -0.89 10.65 -7.44
CA GLU A 286 -0.78 10.22 -6.05
C GLU A 286 0.68 10.21 -5.52
N PHE A 287 1.65 10.49 -6.39
CA PHE A 287 3.07 10.47 -5.97
C PHE A 287 3.70 11.84 -5.97
N THR A 288 4.36 12.21 -4.87
CA THR A 288 5.11 13.46 -4.87
C THR A 288 6.55 13.29 -5.34
N THR A 289 7.23 14.42 -5.49
CA THR A 289 8.64 14.42 -5.85
C THR A 289 9.47 13.79 -4.73
N GLY A 290 9.12 14.08 -3.49
CA GLY A 290 9.78 13.48 -2.36
C GLY A 290 9.56 11.99 -2.31
N GLU A 291 8.31 11.54 -2.49
CA GLU A 291 8.05 10.11 -2.53
C GLU A 291 8.90 9.40 -3.57
N VAL A 292 8.99 10.00 -4.76
CA VAL A 292 9.65 9.36 -5.88
C VAL A 292 11.15 9.28 -5.62
N ILE A 293 11.76 10.40 -5.22
CA ILE A 293 13.18 10.43 -4.86
C ILE A 293 13.47 9.37 -3.79
N ARG A 294 12.55 9.23 -2.85
CA ARG A 294 12.73 8.30 -1.75
C ARG A 294 12.77 6.86 -2.24
N GLN A 295 11.90 6.48 -3.17
CA GLN A 295 11.86 5.05 -3.50
C GLN A 295 12.89 4.78 -4.58
N MET A 296 13.40 5.82 -5.23
CA MET A 296 14.43 5.64 -6.27
C MET A 296 15.83 5.54 -5.69
N TYR A 297 16.11 6.36 -4.68
CA TYR A 297 17.46 6.54 -4.15
C TYR A 297 17.53 6.40 -2.63
N GLY A 298 16.37 6.13 -2.01
CA GLY A 298 16.33 5.85 -0.58
C GLY A 298 16.70 7.02 0.30
N VAL A 299 16.47 8.21 -0.25
CA VAL A 299 16.97 9.45 0.32
C VAL A 299 15.84 10.50 0.34
N ASN A 300 15.89 11.40 1.34
CA ASN A 300 14.79 12.34 1.65
C ASN A 300 14.86 13.74 1.06
N LEU A 301 13.68 14.31 0.79
CA LEU A 301 13.46 15.71 0.40
C LEU A 301 14.16 16.03 -0.91
N ALA B 1 -16.78 2.36 0.85
CA ALA B 1 -16.41 2.70 -0.51
C ALA B 1 -14.91 2.63 -0.72
N GLY B 2 -14.51 2.71 -1.99
CA GLY B 2 -13.12 2.80 -2.38
C GLY B 2 -12.46 1.46 -2.56
N LEU B 3 -11.39 1.47 -3.35
CA LEU B 3 -10.60 0.25 -3.56
C LEU B 3 -9.13 0.61 -3.64
N ARG B 4 -8.37 0.13 -2.67
CA ARG B 4 -6.96 0.43 -2.55
C ARG B 4 -6.14 -0.85 -2.52
N LYS B 5 -5.06 -0.89 -3.30
CA LYS B 5 -4.08 -1.95 -3.08
C LYS B 5 -3.49 -1.63 -1.72
N MET B 6 -3.79 -2.45 -0.73
CA MET B 6 -3.26 -2.15 0.59
C MET B 6 -2.48 -3.33 1.11
N ALA B 7 -1.78 -3.07 2.20
CA ALA B 7 -1.12 -4.14 2.91
C ALA B 7 -1.89 -4.40 4.20
N GLN B 8 -1.68 -5.56 4.82
CA GLN B 8 -2.26 -5.75 6.14
C GLN B 8 -1.20 -5.15 7.11
N PRO B 9 -1.58 -4.87 8.38
CA PRO B 9 -0.64 -4.21 9.30
C PRO B 9 0.65 -5.02 9.52
N SER B 10 1.78 -4.32 9.60
CA SER B 10 3.10 -4.97 9.52
C SER B 10 3.73 -5.24 10.89
N GLY B 11 3.02 -4.85 11.96
CA GLY B 11 3.57 -4.88 13.30
C GLY B 11 4.21 -6.19 13.68
N VAL B 12 3.50 -7.28 13.49
CA VAL B 12 3.98 -8.59 13.91
C VAL B 12 5.22 -9.02 13.13
N VAL B 13 5.33 -8.58 11.87
CA VAL B 13 6.48 -8.97 11.07
C VAL B 13 7.67 -8.05 11.33
N GLU B 14 7.43 -6.79 11.70
CA GLU B 14 8.54 -5.85 11.94
C GLU B 14 9.45 -6.34 13.07
N LYS B 15 8.83 -7.03 14.03
CA LYS B 15 9.56 -7.52 15.19
C LYS B 15 10.53 -8.66 14.86
N CYS B 16 10.41 -9.30 13.69
CA CYS B 16 11.26 -10.45 13.36
C CYS B 16 12.38 -10.12 12.37
N ILE B 17 12.61 -8.85 12.15
CA ILE B 17 13.49 -8.43 11.09
C ILE B 17 14.85 -8.20 11.73
N VAL B 18 15.89 -8.77 11.10
CA VAL B 18 17.24 -8.55 11.58
C VAL B 18 18.19 -8.17 10.44
N ARG B 19 19.31 -7.56 10.82
CA ARG B 19 20.38 -7.20 9.91
C ARG B 19 21.45 -8.28 9.90
N VAL B 20 21.61 -8.95 8.76
CA VAL B 20 22.69 -9.94 8.64
C VAL B 20 23.81 -9.38 7.77
N CYS B 21 25.01 -9.37 8.33
CA CYS B 21 26.22 -8.96 7.60
C CYS B 21 27.26 -10.04 7.59
N TYR B 22 27.97 -10.14 6.46
CA TYR B 22 29.08 -11.07 6.29
C TYR B 22 29.98 -10.58 5.16
N GLY B 23 31.28 -10.49 5.44
CA GLY B 23 32.26 -10.00 4.48
C GLY B 23 31.99 -8.61 3.93
N ASN B 24 31.73 -8.54 2.63
CA ASN B 24 31.33 -7.31 1.97
C ASN B 24 29.81 -7.21 1.72
N MET B 25 29.05 -8.07 2.37
CA MET B 25 27.59 -8.09 2.15
C MET B 25 26.83 -7.67 3.39
N ALA B 26 25.75 -6.94 3.16
CA ALA B 26 24.79 -6.69 4.21
C ALA B 26 23.41 -6.79 3.61
N LEU B 27 22.55 -7.55 4.27
CA LEU B 27 21.12 -7.62 3.90
C LEU B 27 20.24 -7.93 5.10
N ASN B 28 19.00 -8.34 4.83
CA ASN B 28 18.01 -8.48 5.90
C ASN B 28 17.70 -9.94 6.14
N GLY B 29 17.43 -10.30 7.40
CA GLY B 29 17.03 -11.65 7.75
C GLY B 29 15.71 -11.69 8.53
N LEU B 30 15.11 -12.88 8.53
CA LEU B 30 13.93 -13.20 9.33
C LEU B 30 14.35 -14.06 10.53
N TRP B 31 14.07 -13.55 11.73
CA TRP B 31 14.39 -14.19 13.01
C TRP B 31 13.15 -14.81 13.61
N LEU B 32 13.09 -16.14 13.61
CA LEU B 32 11.92 -16.86 14.08
C LEU B 32 12.40 -17.96 15.03
N GLY B 33 11.93 -17.92 16.27
CA GLY B 33 12.45 -18.85 17.26
C GLY B 33 13.90 -18.50 17.48
N ASP B 34 14.78 -19.49 17.34
CA ASP B 34 16.21 -19.26 17.48
C ASP B 34 16.95 -19.47 16.16
N THR B 35 16.20 -19.46 15.06
CA THR B 35 16.81 -19.57 13.73
C THR B 35 16.68 -18.24 12.98
N VAL B 36 17.75 -17.84 12.31
CA VAL B 36 17.65 -16.68 11.44
C VAL B 36 17.72 -17.08 9.99
N ILE B 37 16.79 -16.54 9.18
CA ILE B 37 16.71 -16.89 7.78
C ILE B 37 16.99 -15.69 6.88
N CYS B 38 17.88 -15.88 5.90
CA CYS B 38 18.29 -14.82 4.97
C CYS B 38 18.82 -15.43 3.64
N PRO B 39 18.87 -14.64 2.55
CA PRO B 39 19.45 -15.05 1.27
C PRO B 39 20.91 -15.56 1.42
N ARG B 40 21.22 -16.68 0.80
CA ARG B 40 22.62 -17.20 0.91
C ARG B 40 23.70 -16.33 0.25
N HIS B 41 23.31 -15.44 -0.67
CA HIS B 41 24.31 -14.59 -1.33
C HIS B 41 24.95 -13.58 -0.36
N VAL B 42 24.50 -13.57 0.90
CA VAL B 42 25.18 -12.77 1.88
C VAL B 42 26.63 -13.29 2.06
N ILE B 43 26.88 -14.54 1.72
CA ILE B 43 28.23 -15.08 1.87
C ILE B 43 28.99 -15.11 0.56
N ALA B 44 28.46 -14.42 -0.46
CA ALA B 44 29.13 -14.39 -1.76
C ALA B 44 30.13 -13.26 -1.84
N SER B 45 30.99 -13.33 -2.85
CA SER B 45 31.85 -12.21 -3.23
C SER B 45 31.13 -11.21 -4.12
N SER B 46 31.31 -9.92 -3.84
CA SER B 46 30.59 -8.89 -4.58
C SER B 46 31.23 -8.54 -5.91
N THR B 47 32.30 -9.24 -6.29
CA THR B 47 33.11 -8.82 -7.42
C THR B 47 33.12 -9.81 -8.57
N THR B 48 32.77 -11.05 -8.28
CA THR B 48 32.78 -12.07 -9.31
C THR B 48 31.48 -12.03 -10.09
N SER B 49 31.56 -12.23 -11.40
CA SER B 49 30.37 -12.34 -12.25
C SER B 49 29.61 -13.63 -11.94
N THR B 50 30.09 -14.36 -10.95
CA THR B 50 29.59 -15.69 -10.64
C THR B 50 29.82 -16.02 -9.17
N ILE B 51 28.88 -16.77 -8.58
CA ILE B 51 28.98 -17.19 -7.18
C ILE B 51 29.07 -18.70 -7.12
N ASP B 52 30.13 -19.15 -6.46
CA ASP B 52 30.39 -20.56 -6.21
C ASP B 52 29.97 -20.81 -4.77
N TYR B 53 28.70 -21.14 -4.56
CA TYR B 53 28.20 -21.24 -3.19
C TYR B 53 28.89 -22.37 -2.45
N ASP B 54 29.22 -23.43 -3.18
CA ASP B 54 29.94 -24.59 -2.62
C ASP B 54 31.29 -24.20 -2.04
N TYR B 55 32.05 -23.41 -2.80
CA TYR B 55 33.25 -22.81 -2.26
C TYR B 55 32.92 -21.99 -1.00
N ALA B 56 32.05 -21.00 -1.20
CA ALA B 56 31.70 -20.03 -0.13
C ALA B 56 31.31 -20.70 1.18
N LEU B 57 30.58 -21.79 1.08
CA LEU B 57 30.15 -22.47 2.28
C LEU B 57 31.29 -23.25 2.94
N SER B 58 32.05 -23.97 2.11
CA SER B 58 33.21 -24.79 2.55
C SER B 58 34.13 -24.00 3.46
N VAL B 59 34.43 -22.79 3.03
CA VAL B 59 35.38 -21.95 3.73
C VAL B 59 34.70 -20.88 4.60
N LEU B 60 33.59 -21.18 5.22
CA LEU B 60 32.88 -20.15 5.97
C LEU B 60 33.36 -20.00 7.42
N ARG B 61 33.64 -18.77 7.89
CA ARG B 61 33.87 -18.54 9.34
C ARG B 61 32.68 -17.91 10.06
N LEU B 62 32.13 -18.62 11.04
CA LEU B 62 31.00 -18.14 11.82
C LEU B 62 31.26 -16.80 12.47
N HIS B 63 32.50 -16.49 12.82
CA HIS B 63 32.79 -15.23 13.51
C HIS B 63 32.89 -14.06 12.54
N ASN B 64 32.70 -14.30 11.24
CA ASN B 64 32.55 -13.22 10.28
C ASN B 64 31.10 -12.71 10.12
N PHE B 65 30.15 -13.37 10.78
CA PHE B 65 28.74 -12.97 10.73
C PHE B 65 28.44 -11.85 11.71
N SER B 66 27.73 -10.82 11.27
CA SER B 66 27.25 -9.80 12.19
C SER B 66 25.74 -9.72 12.11
N ILE B 67 25.05 -10.25 13.11
CA ILE B 67 23.59 -10.28 13.12
C ILE B 67 22.99 -9.50 14.29
N SER B 68 22.09 -8.55 13.99
CA SER B 68 21.45 -7.80 15.06
C SER B 68 19.95 -7.56 14.89
N SER B 69 19.29 -7.51 16.06
CA SER B 69 17.91 -7.06 16.19
C SER B 69 17.91 -5.78 17.02
N GLY B 70 17.78 -4.64 16.33
CA GLY B 70 17.88 -3.34 16.97
C GLY B 70 19.35 -3.12 17.30
N ASN B 71 19.68 -2.91 18.58
CA ASN B 71 21.08 -2.78 18.97
C ASN B 71 21.64 -4.05 19.63
N VAL B 72 20.81 -5.08 19.72
CA VAL B 72 21.17 -6.34 20.33
C VAL B 72 21.81 -7.30 19.33
N PHE B 73 23.03 -7.75 19.61
CA PHE B 73 23.68 -8.69 18.70
C PHE B 73 23.40 -10.14 19.10
N LEU B 74 23.06 -10.96 18.11
CA LEU B 74 22.77 -12.37 18.34
C LEU B 74 24.01 -13.21 18.01
N GLY B 75 24.27 -14.22 18.83
CA GLY B 75 25.44 -15.05 18.62
C GLY B 75 25.18 -16.21 17.68
N VAL B 76 26.04 -16.35 16.68
CA VAL B 76 25.90 -17.44 15.69
C VAL B 76 26.35 -18.79 16.26
N VAL B 77 25.40 -19.71 16.35
CA VAL B 77 25.70 -21.07 16.76
C VAL B 77 26.24 -21.87 15.55
N GLY B 78 25.62 -21.67 14.40
CA GLY B 78 26.04 -22.35 13.19
C GLY B 78 25.08 -22.12 12.05
N VAL B 79 25.43 -22.64 10.88
CA VAL B 79 24.67 -22.35 9.67
C VAL B 79 24.30 -23.64 8.95
N THR B 80 23.10 -23.68 8.39
CA THR B 80 22.79 -24.69 7.39
C THR B 80 22.30 -23.97 6.14
N MET B 81 22.38 -24.62 5.00
CA MET B 81 21.88 -24.01 3.75
C MET B 81 20.71 -24.80 3.20
N ARG B 82 19.69 -24.11 2.70
CA ARG B 82 18.67 -24.79 1.92
C ARG B 82 18.18 -23.93 0.76
N GLY B 83 18.27 -24.51 -0.44
CA GLY B 83 18.04 -23.79 -1.69
C GLY B 83 18.84 -22.51 -1.70
N ALA B 84 18.17 -21.40 -2.00
CA ALA B 84 18.81 -20.07 -2.00
C ALA B 84 18.87 -19.38 -0.63
N LEU B 85 18.58 -20.11 0.46
CA LEU B 85 18.60 -19.53 1.80
C LEU B 85 19.67 -20.11 2.71
N LEU B 86 20.17 -19.29 3.64
CA LEU B 86 20.86 -19.78 4.82
C LEU B 86 19.92 -19.90 6.01
N GLN B 87 20.07 -20.95 6.79
CA GLN B 87 19.39 -21.04 8.07
C GLN B 87 20.43 -21.04 9.18
N ILE B 88 20.45 -19.94 9.92
CA ILE B 88 21.44 -19.59 10.91
C ILE B 88 20.89 -19.81 12.31
N LYS B 89 21.35 -20.87 12.97
CA LYS B 89 21.07 -21.04 14.40
C LYS B 89 21.75 -19.94 15.19
N VAL B 90 20.97 -19.26 16.04
CA VAL B 90 21.52 -18.22 16.90
C VAL B 90 21.35 -18.64 18.36
N ASN B 91 21.95 -17.89 19.29
CA ASN B 91 21.90 -18.26 20.70
C ASN B 91 20.73 -17.66 21.50
N GLN B 92 19.71 -17.14 20.81
CA GLN B 92 18.59 -16.48 21.47
C GLN B 92 17.28 -16.71 20.78
N ASN B 93 16.23 -16.96 21.57
CA ASN B 93 14.89 -17.05 21.04
C ASN B 93 14.27 -15.67 20.87
N ASN B 94 13.71 -15.43 19.70
CA ASN B 94 12.91 -14.22 19.48
C ASN B 94 11.59 -14.36 20.22
N VAL B 95 11.39 -13.62 21.30
CA VAL B 95 10.14 -13.74 22.06
C VAL B 95 8.95 -13.24 21.24
N HIS B 96 9.20 -12.37 20.27
CA HIS B 96 8.14 -11.79 19.46
C HIS B 96 7.74 -12.64 18.27
N THR B 97 8.26 -13.87 18.20
CA THR B 97 7.88 -14.77 17.12
C THR B 97 6.38 -15.04 17.15
N PRO B 98 5.67 -14.69 16.08
CA PRO B 98 4.26 -15.05 16.01
C PRO B 98 4.07 -16.52 15.62
N LYS B 99 2.86 -17.05 15.70
CA LYS B 99 2.56 -18.32 15.05
C LYS B 99 2.68 -18.11 13.55
N TYR B 100 3.47 -18.96 12.90
CA TYR B 100 3.64 -18.84 11.47
C TYR B 100 3.70 -20.19 10.77
N THR B 101 3.45 -20.15 9.47
CA THR B 101 3.59 -21.27 8.56
C THR B 101 4.43 -20.80 7.36
N TYR B 102 4.67 -21.72 6.43
CA TYR B 102 5.36 -21.39 5.20
C TYR B 102 4.39 -21.72 4.09
N ARG B 103 4.31 -20.87 3.09
CA ARG B 103 3.56 -21.27 1.90
C ARG B 103 4.22 -20.73 0.67
N THR B 104 4.04 -21.44 -0.43
CA THR B 104 4.52 -20.99 -1.71
C THR B 104 3.34 -20.36 -2.44
N VAL B 105 3.49 -19.10 -2.86
CA VAL B 105 2.39 -18.39 -3.48
C VAL B 105 2.23 -18.78 -4.96
N ARG B 106 0.99 -18.86 -5.41
CA ARG B 106 0.70 -19.23 -6.79
C ARG B 106 0.50 -17.95 -7.62
N PRO B 107 0.75 -18.03 -8.94
CA PRO B 107 0.47 -16.87 -9.79
C PRO B 107 -0.96 -16.36 -9.64
N GLY B 108 -1.12 -15.05 -9.60
CA GLY B 108 -2.41 -14.42 -9.42
C GLY B 108 -2.73 -14.16 -7.95
N GLU B 109 -1.93 -14.72 -7.05
CA GLU B 109 -2.13 -14.48 -5.61
C GLU B 109 -1.45 -13.23 -5.07
N SER B 110 -2.13 -12.58 -4.12
CA SER B 110 -1.65 -11.38 -3.46
C SER B 110 -0.95 -11.71 -2.13
N PHE B 111 -0.03 -10.83 -1.73
CA PHE B 111 0.63 -10.90 -0.44
C PHE B 111 1.26 -9.57 -0.17
N ASN B 112 1.74 -9.39 1.05
CA ASN B 112 2.34 -8.16 1.51
C ASN B 112 3.84 -8.25 1.31
N ILE B 113 4.46 -7.15 0.94
CA ILE B 113 5.91 -7.05 1.00
C ILE B 113 6.24 -6.07 2.12
N LEU B 114 7.12 -6.50 3.04
CA LEU B 114 7.76 -5.59 3.98
C LEU B 114 9.19 -5.31 3.52
N ALA B 115 9.37 -4.11 2.97
CA ALA B 115 10.62 -3.76 2.32
C ALA B 115 11.54 -3.26 3.41
N CYS B 116 12.64 -3.98 3.59
CA CYS B 116 13.58 -3.75 4.68
C CYS B 116 14.95 -3.31 4.19
N TYR B 117 15.63 -2.54 5.02
CA TYR B 117 17.01 -2.07 4.75
C TYR B 117 17.73 -2.03 6.10
N ASP B 118 18.97 -2.50 6.12
CA ASP B 118 19.76 -2.56 7.36
C ASP B 118 18.98 -3.19 8.50
N GLY B 119 18.27 -4.27 8.22
CA GLY B 119 17.61 -5.02 9.27
C GLY B 119 16.42 -4.36 9.94
N SER B 120 15.88 -3.29 9.34
CA SER B 120 14.60 -2.74 9.81
C SER B 120 13.62 -2.38 8.68
N ALA B 121 12.32 -2.51 8.97
CA ALA B 121 11.29 -2.23 8.00
C ALA B 121 11.32 -0.76 7.60
N ALA B 122 11.10 -0.49 6.31
CA ALA B 122 11.10 0.87 5.75
C ALA B 122 9.78 1.26 5.05
N GLY B 123 9.03 0.27 4.59
CA GLY B 123 7.83 0.47 3.79
C GLY B 123 7.09 -0.86 3.70
N VAL B 124 5.78 -0.78 3.51
CA VAL B 124 4.99 -1.99 3.38
C VAL B 124 3.90 -1.77 2.34
N TYR B 125 3.66 -2.77 1.51
CA TYR B 125 2.82 -2.63 0.32
C TYR B 125 2.37 -4.01 -0.21
N GLY B 126 1.25 -4.04 -0.91
CA GLY B 126 0.68 -5.29 -1.36
C GLY B 126 1.16 -5.55 -2.77
N VAL B 127 1.30 -6.82 -3.13
CA VAL B 127 1.63 -7.15 -4.50
C VAL B 127 0.80 -8.32 -4.94
N ASN B 128 1.03 -8.72 -6.18
CA ASN B 128 0.33 -9.86 -6.75
C ASN B 128 1.29 -10.64 -7.61
N MET B 129 1.37 -11.95 -7.38
CA MET B 129 2.32 -12.80 -8.09
C MET B 129 1.88 -12.92 -9.56
N ARG B 130 2.75 -12.51 -10.48
CA ARG B 130 2.42 -12.56 -11.91
C ARG B 130 2.67 -13.92 -12.54
N SER B 131 2.00 -14.19 -13.66
CA SER B 131 2.08 -15.51 -14.31
C SER B 131 3.50 -15.92 -14.66
N ASN B 132 4.42 -14.96 -14.72
CA ASN B 132 5.82 -15.27 -14.96
C ASN B 132 6.60 -15.32 -13.66
N TYR B 133 5.86 -15.48 -12.56
CA TYR B 133 6.46 -15.71 -11.22
C TYR B 133 7.39 -14.60 -10.75
N THR B 134 7.17 -13.40 -11.25
CA THR B 134 7.82 -12.22 -10.72
C THR B 134 6.77 -11.35 -10.02
N ILE B 135 7.19 -10.29 -9.34
CA ILE B 135 6.24 -9.34 -8.79
C ILE B 135 6.75 -7.98 -9.20
N ARG B 136 5.83 -7.03 -9.27
CA ARG B 136 6.17 -5.67 -9.58
C ARG B 136 6.44 -4.98 -8.25
N GLY B 137 7.64 -5.16 -7.72
CA GLY B 137 7.97 -4.60 -6.43
C GLY B 137 8.55 -3.21 -6.57
N SER B 138 8.91 -2.65 -5.42
CA SER B 138 9.69 -1.42 -5.36
C SER B 138 10.78 -1.62 -4.34
N PHE B 139 12.02 -1.61 -4.81
CA PHE B 139 13.17 -2.05 -4.03
C PHE B 139 14.41 -1.29 -4.47
N ILE B 140 15.27 -0.93 -3.53
CA ILE B 140 16.58 -0.44 -3.96
C ILE B 140 17.65 -1.32 -3.32
N ASN B 141 18.91 -1.08 -3.64
CA ASN B 141 19.98 -1.94 -3.12
C ASN B 141 19.94 -2.04 -1.61
N GLY B 142 20.11 -3.27 -1.11
CA GLY B 142 20.12 -3.58 0.31
C GLY B 142 18.82 -4.23 0.76
N ALA B 143 17.87 -4.35 -0.17
CA ALA B 143 16.53 -4.85 0.13
C ALA B 143 16.48 -6.36 0.25
N CYS B 144 17.51 -7.05 -0.22
CA CYS B 144 17.47 -8.52 -0.16
C CYS B 144 17.17 -9.04 1.25
N GLY B 145 16.36 -10.09 1.30
CA GLY B 145 15.89 -10.60 2.58
C GLY B 145 14.52 -10.02 2.99
N SER B 146 14.10 -8.93 2.36
CA SER B 146 12.76 -8.39 2.68
C SER B 146 11.73 -9.48 2.49
N PRO B 147 10.92 -9.72 3.53
CA PRO B 147 9.95 -10.82 3.51
C PRO B 147 8.63 -10.44 2.87
N GLY B 148 7.98 -11.44 2.28
CA GLY B 148 6.58 -11.38 1.93
C GLY B 148 5.75 -12.46 2.64
N TYR B 149 4.48 -12.17 2.88
CA TYR B 149 3.66 -12.99 3.77
C TYR B 149 2.19 -12.60 3.68
N ASN B 150 1.27 -13.48 4.07
CA ASN B 150 0.00 -12.92 4.50
C ASN B 150 -0.28 -13.28 5.93
N ILE B 151 -1.16 -12.50 6.53
CA ILE B 151 -1.59 -12.70 7.89
C ILE B 151 -3.00 -13.27 7.85
N ASN B 152 -3.12 -14.55 8.22
CA ASN B 152 -4.41 -15.23 8.24
C ASN B 152 -4.81 -15.38 9.69
N ASN B 153 -5.36 -14.28 10.20
CA ASN B 153 -5.96 -14.08 11.53
C ASN B 153 -4.94 -13.51 12.59
N GLY B 154 -4.25 -14.24 13.48
CA GLY B 154 -4.00 -15.66 13.50
C GLY B 154 -2.51 -15.92 13.27
N THR B 155 -2.25 -16.47 12.10
CA THR B 155 -0.96 -17.01 11.72
C THR B 155 -0.28 -16.13 10.67
N VAL B 156 1.01 -15.87 10.81
CA VAL B 156 1.69 -15.23 9.69
C VAL B 156 2.13 -16.26 8.65
N GLU B 157 1.65 -16.10 7.42
CA GLU B 157 1.94 -17.06 6.36
C GLU B 157 3.06 -16.53 5.45
N PHE B 158 4.28 -16.95 5.70
CA PHE B 158 5.44 -16.47 4.94
C PHE B 158 5.55 -17.14 3.56
N CYS B 159 5.64 -16.33 2.51
CA CYS B 159 5.71 -16.91 1.17
C CYS B 159 6.88 -16.44 0.30
N TYR B 160 7.65 -15.47 0.77
CA TYR B 160 8.60 -14.79 -0.11
C TYR B 160 9.75 -14.21 0.71
N LEU B 161 10.95 -14.35 0.18
CA LEU B 161 12.15 -13.72 0.73
C LEU B 161 12.89 -13.09 -0.44
N HIS B 162 13.20 -11.80 -0.35
CA HIS B 162 13.54 -11.11 -1.58
C HIS B 162 14.97 -11.39 -2.04
N GLN B 163 15.11 -11.77 -3.32
CA GLN B 163 16.40 -12.29 -3.82
C GLN B 163 17.00 -11.45 -4.93
N LEU B 164 16.21 -11.11 -5.97
CA LEU B 164 16.83 -10.38 -7.06
C LEU B 164 15.92 -9.57 -7.96
N GLU B 165 16.59 -8.81 -8.83
CA GLU B 165 15.93 -7.93 -9.77
C GLU B 165 16.27 -8.28 -11.19
N LEU B 166 15.24 -8.47 -12.02
CA LEU B 166 15.42 -8.80 -13.42
C LEU B 166 15.76 -7.53 -14.19
N GLY B 167 16.03 -7.68 -15.48
CA GLY B 167 16.53 -6.56 -16.27
C GLY B 167 15.49 -5.49 -16.48
N SER B 168 14.25 -5.93 -16.62
CA SER B 168 13.09 -5.04 -16.67
C SER B 168 12.81 -4.33 -15.35
N GLY B 169 13.43 -4.76 -14.27
CA GLY B 169 13.22 -4.12 -12.98
C GLY B 169 12.12 -4.74 -12.13
N CYS B 170 11.48 -5.79 -12.64
CA CYS B 170 10.50 -6.50 -11.84
C CYS B 170 11.26 -7.47 -10.93
N HIS B 171 10.61 -8.06 -9.93
CA HIS B 171 11.49 -8.82 -9.07
C HIS B 171 11.07 -10.23 -8.76
N VAL B 172 12.05 -10.96 -8.20
CA VAL B 172 11.98 -12.38 -7.96
C VAL B 172 12.43 -12.65 -6.54
N GLY B 173 11.82 -13.65 -5.88
CA GLY B 173 12.30 -14.08 -4.57
C GLY B 173 12.29 -15.59 -4.49
N SER B 174 12.60 -16.11 -3.32
CA SER B 174 12.42 -17.54 -3.08
C SER B 174 11.34 -17.69 -2.02
N ASP B 175 10.73 -18.88 -1.98
CA ASP B 175 9.87 -19.22 -0.87
C ASP B 175 10.78 -19.50 0.31
N LEU B 176 10.22 -19.91 1.45
CA LEU B 176 11.07 -20.10 2.63
C LEU B 176 11.62 -21.54 2.73
N ASP B 177 11.33 -22.34 1.72
CA ASP B 177 11.98 -23.64 1.52
C ASP B 177 13.23 -23.43 0.66
N GLY B 178 13.46 -22.19 0.26
CA GLY B 178 14.63 -21.86 -0.53
C GLY B 178 14.46 -22.03 -2.03
N VAL B 179 13.29 -22.48 -2.47
CA VAL B 179 13.08 -22.62 -3.91
C VAL B 179 12.88 -21.25 -4.54
N MET B 180 13.73 -20.93 -5.52
CA MET B 180 13.58 -19.69 -6.29
C MET B 180 12.30 -19.71 -7.09
N TYR B 181 11.50 -18.64 -6.97
CA TYR B 181 10.25 -18.53 -7.75
C TYR B 181 10.54 -18.38 -9.26
N GLY B 182 9.91 -19.22 -10.06
CA GLY B 182 10.09 -19.15 -11.50
C GLY B 182 11.39 -19.77 -11.98
N GLY B 183 12.14 -20.39 -11.07
CA GLY B 183 13.33 -21.13 -11.45
C GLY B 183 14.55 -20.28 -11.75
N TYR B 184 14.49 -18.99 -11.44
CA TYR B 184 15.66 -18.13 -11.61
C TYR B 184 16.79 -18.57 -10.72
N GLU B 185 17.96 -17.96 -10.91
CA GLU B 185 19.12 -18.29 -10.11
C GLU B 185 19.51 -17.12 -9.24
N ASP B 186 19.92 -17.41 -8.02
CA ASP B 186 20.46 -16.40 -7.12
C ASP B 186 21.93 -16.10 -7.46
N GLN B 187 22.13 -15.58 -8.68
CA GLN B 187 23.42 -15.15 -9.20
C GLN B 187 23.41 -13.67 -9.60
N PRO B 188 24.56 -13.02 -9.59
CA PRO B 188 24.56 -11.58 -9.90
C PRO B 188 24.33 -11.27 -11.39
N THR B 189 24.24 -12.30 -12.23
CA THR B 189 23.97 -12.11 -13.64
C THR B 189 22.61 -11.43 -13.86
N LEU B 190 22.52 -10.61 -14.90
CA LEU B 190 21.25 -9.98 -15.18
C LEU B 190 20.33 -10.93 -15.92
N GLN B 191 19.33 -11.44 -15.21
CA GLN B 191 18.41 -12.41 -15.80
C GLN B 191 17.22 -11.68 -16.40
N VAL B 192 16.36 -12.40 -17.11
CA VAL B 192 15.33 -11.77 -17.94
C VAL B 192 13.89 -12.23 -17.65
N GLU B 193 12.97 -11.29 -17.64
CA GLU B 193 11.59 -11.63 -17.39
C GLU B 193 10.95 -12.25 -18.64
N GLY B 194 10.26 -13.38 -18.45
CA GLY B 194 9.56 -14.04 -19.53
C GLY B 194 8.18 -13.44 -19.75
N ALA B 195 7.49 -13.88 -20.79
CA ALA B 195 6.19 -13.34 -21.13
C ALA B 195 5.13 -13.55 -20.02
N SER B 196 4.37 -12.50 -19.74
CA SER B 196 3.30 -12.58 -18.75
C SER B 196 1.97 -12.23 -19.40
N SER B 197 0.89 -12.60 -18.73
CA SER B 197 -0.45 -12.23 -19.18
C SER B 197 -1.21 -11.61 -18.02
N LEU B 198 -2.06 -10.63 -18.31
CA LEU B 198 -3.00 -10.14 -17.31
C LEU B 198 -3.81 -11.31 -16.78
N PHE B 199 -3.94 -11.38 -15.48
CA PHE B 199 -4.64 -12.50 -14.87
C PHE B 199 -6.13 -12.18 -14.91
N THR B 200 -6.85 -12.88 -15.78
CA THR B 200 -8.21 -12.45 -16.15
C THR B 200 -9.16 -12.51 -14.96
N GLU B 201 -9.01 -13.54 -14.15
CA GLU B 201 -9.87 -13.69 -12.99
C GLU B 201 -9.69 -12.51 -12.05
N ASN B 202 -8.51 -11.87 -12.05
CA ASN B 202 -8.43 -10.74 -11.18
C ASN B 202 -8.99 -9.48 -11.84
N VAL B 203 -8.90 -9.39 -13.16
CA VAL B 203 -9.48 -8.26 -13.87
C VAL B 203 -10.98 -8.20 -13.60
N LEU B 204 -11.60 -9.37 -13.63
CA LEU B 204 -13.03 -9.51 -13.35
C LEU B 204 -13.35 -9.01 -11.96
N ALA B 205 -12.53 -9.44 -11.01
CA ALA B 205 -12.65 -9.00 -9.64
C ALA B 205 -12.66 -7.48 -9.56
N PHE B 206 -11.76 -6.86 -10.32
CA PHE B 206 -11.61 -5.42 -10.31
C PHE B 206 -12.86 -4.72 -10.87
N LEU B 207 -13.45 -5.30 -11.91
CA LEU B 207 -14.62 -4.72 -12.55
C LEU B 207 -15.80 -4.67 -11.59
N TYR B 208 -16.00 -5.76 -10.85
CA TYR B 208 -17.07 -5.85 -9.89
C TYR B 208 -16.93 -4.78 -8.82
N ALA B 209 -15.71 -4.55 -8.36
CA ALA B 209 -15.48 -3.52 -7.37
C ALA B 209 -15.86 -2.15 -7.94
N ALA B 210 -15.68 -2.02 -9.25
CA ALA B 210 -15.92 -0.77 -9.95
C ALA B 210 -17.42 -0.52 -10.13
N LEU B 211 -18.15 -1.55 -10.52
CA LEU B 211 -19.60 -1.47 -10.60
C LEU B 211 -20.12 -1.04 -9.25
N ILE B 212 -19.73 -1.78 -8.22
CA ILE B 212 -20.08 -1.49 -6.84
C ILE B 212 -19.70 -0.07 -6.41
N ASN B 213 -18.76 0.56 -7.11
CA ASN B 213 -18.44 1.94 -6.76
C ASN B 213 -18.98 2.97 -7.74
N GLY B 214 -19.78 2.51 -8.70
CA GLY B 214 -20.46 3.42 -9.62
C GLY B 214 -19.66 3.70 -10.87
N SER B 215 -18.64 2.90 -11.09
CA SER B 215 -17.92 2.93 -12.36
C SER B 215 -18.67 2.02 -13.32
N THR B 216 -19.22 2.61 -14.38
CA THR B 216 -20.21 1.93 -15.19
C THR B 216 -20.03 2.14 -16.69
N TRP B 217 -19.38 3.26 -17.02
CA TRP B 217 -19.32 3.70 -18.40
C TRP B 217 -18.70 2.67 -19.34
N TRP B 218 -17.81 1.83 -18.82
CA TRP B 218 -17.12 0.78 -19.60
C TRP B 218 -17.98 -0.46 -19.83
N LEU B 219 -19.13 -0.51 -19.17
CA LEU B 219 -19.89 -1.75 -19.12
C LEU B 219 -20.56 -2.05 -20.46
N SER B 220 -20.15 -3.17 -21.05
CA SER B 220 -20.66 -3.63 -22.34
C SER B 220 -22.13 -3.98 -22.26
N SER B 221 -22.85 -3.74 -23.35
CA SER B 221 -24.22 -4.22 -23.45
C SER B 221 -24.20 -5.67 -23.89
N SER B 222 -23.12 -6.08 -24.55
CA SER B 222 -23.04 -7.47 -25.00
C SER B 222 -22.37 -8.39 -24.00
N ARG B 223 -22.31 -9.67 -24.39
CA ARG B 223 -21.90 -10.75 -23.51
C ARG B 223 -21.18 -11.79 -24.36
N ILE B 224 -20.32 -12.60 -23.73
CA ILE B 224 -19.55 -13.62 -24.44
C ILE B 224 -19.26 -14.84 -23.57
N ALA B 225 -19.51 -16.04 -24.11
CA ALA B 225 -19.35 -17.29 -23.36
C ALA B 225 -17.93 -17.49 -22.85
N VAL B 226 -17.79 -18.25 -21.77
CA VAL B 226 -16.49 -18.40 -21.10
C VAL B 226 -15.38 -19.01 -21.98
N ASP B 227 -15.62 -20.15 -22.64
CA ASP B 227 -14.51 -20.71 -23.39
C ASP B 227 -14.33 -19.89 -24.67
N ARG B 228 -15.38 -19.35 -25.30
CA ARG B 228 -15.09 -18.54 -26.47
C ARG B 228 -14.26 -17.30 -26.12
N PHE B 229 -14.37 -16.83 -24.88
CA PHE B 229 -13.46 -15.78 -24.41
C PHE B 229 -12.06 -16.36 -24.23
N ASN B 230 -12.01 -17.64 -23.82
CA ASN B 230 -10.73 -18.26 -23.51
C ASN B 230 -9.83 -18.39 -24.73
N GLU B 231 -10.42 -18.71 -25.87
CA GLU B 231 -9.68 -18.84 -27.14
C GLU B 231 -9.13 -17.49 -27.59
N TRP B 232 -9.90 -16.44 -27.34
CA TRP B 232 -9.42 -15.08 -27.59
C TRP B 232 -8.30 -14.67 -26.63
N ALA B 233 -8.38 -15.13 -25.38
CA ALA B 233 -7.47 -14.73 -24.32
C ALA B 233 -6.03 -15.20 -24.57
N VAL B 234 -5.89 -16.50 -24.89
CA VAL B 234 -4.57 -17.13 -25.02
C VAL B 234 -3.70 -16.48 -26.09
N HIS B 235 -4.34 -15.79 -27.04
CA HIS B 235 -3.61 -15.10 -28.09
C HIS B 235 -3.90 -13.60 -28.05
N ASN B 236 -4.29 -13.12 -26.88
CA ASN B 236 -4.37 -11.68 -26.63
C ASN B 236 -3.68 -11.26 -25.32
N GLY B 237 -2.85 -12.13 -24.77
CA GLY B 237 -2.02 -11.77 -23.64
C GLY B 237 -2.80 -11.72 -22.33
N MET B 238 -3.82 -12.57 -22.23
CA MET B 238 -4.63 -12.65 -21.04
C MET B 238 -4.84 -14.10 -20.67
N THR B 239 -4.93 -14.40 -19.39
CA THR B 239 -5.02 -15.77 -18.91
C THR B 239 -6.41 -16.35 -19.13
N THR B 240 -6.47 -17.68 -19.16
CA THR B 240 -7.72 -18.41 -19.28
C THR B 240 -8.46 -18.41 -17.95
N VAL B 241 -9.72 -18.80 -17.96
CA VAL B 241 -10.49 -18.82 -16.73
C VAL B 241 -10.78 -20.23 -16.26
N VAL B 242 -10.61 -20.48 -14.96
CA VAL B 242 -10.89 -21.79 -14.39
C VAL B 242 -11.88 -21.71 -13.22
N ASN B 243 -11.72 -20.76 -12.30
CA ASN B 243 -12.62 -20.66 -11.16
C ASN B 243 -13.93 -20.00 -11.60
N THR B 244 -14.83 -20.85 -12.09
CA THR B 244 -16.16 -20.48 -12.53
C THR B 244 -16.83 -19.43 -11.67
N ASP B 245 -16.79 -19.67 -10.37
CA ASP B 245 -17.90 -19.32 -9.52
C ASP B 245 -17.54 -18.63 -8.22
N CYS B 246 -16.28 -18.21 -8.09
CA CYS B 246 -15.87 -17.38 -6.97
C CYS B 246 -16.48 -15.99 -7.13
N PHE B 247 -17.25 -15.82 -8.22
CA PHE B 247 -17.87 -14.54 -8.57
C PHE B 247 -19.35 -14.51 -8.26
N SER B 248 -19.87 -15.62 -7.75
CA SER B 248 -21.32 -15.76 -7.48
C SER B 248 -21.90 -14.62 -6.66
N ILE B 249 -21.22 -14.28 -5.58
CA ILE B 249 -21.65 -13.20 -4.70
C ILE B 249 -21.71 -11.88 -5.46
N LEU B 250 -20.64 -11.60 -6.18
CA LEU B 250 -20.51 -10.35 -6.94
C LEU B 250 -21.53 -10.26 -8.07
N ALA B 251 -21.63 -11.32 -8.87
CA ALA B 251 -22.57 -11.36 -9.99
C ALA B 251 -23.99 -11.10 -9.51
N ALA B 252 -24.34 -11.72 -8.39
CA ALA B 252 -25.68 -11.62 -7.82
C ALA B 252 -25.99 -10.21 -7.30
N LYS B 253 -25.03 -9.58 -6.62
CA LYS B 253 -25.27 -8.28 -5.99
C LYS B 253 -25.21 -7.12 -6.98
N THR B 254 -24.69 -7.39 -8.16
CA THR B 254 -24.62 -6.37 -9.20
C THR B 254 -25.64 -6.65 -10.28
N GLY B 255 -26.07 -7.91 -10.34
CA GLY B 255 -26.94 -8.37 -11.41
C GLY B 255 -26.20 -8.26 -12.73
N VAL B 256 -24.89 -8.43 -12.67
CA VAL B 256 -24.04 -8.46 -13.86
C VAL B 256 -23.24 -9.75 -13.92
N ASP B 257 -23.59 -10.59 -14.89
CA ASP B 257 -22.95 -11.90 -15.01
C ASP B 257 -21.51 -11.77 -15.50
N VAL B 258 -20.78 -12.87 -15.43
CA VAL B 258 -19.36 -12.85 -15.76
C VAL B 258 -19.14 -12.59 -17.25
N GLN B 259 -19.97 -13.24 -18.07
CA GLN B 259 -19.87 -13.16 -19.53
C GLN B 259 -19.93 -11.70 -20.03
N ARG B 260 -20.84 -10.94 -19.45
CA ARG B 260 -20.93 -9.51 -19.68
C ARG B 260 -19.61 -8.76 -19.42
N LEU B 261 -18.99 -9.05 -18.28
CA LEU B 261 -17.70 -8.46 -17.94
C LEU B 261 -16.61 -8.87 -18.92
N LEU B 262 -16.65 -10.13 -19.37
CA LEU B 262 -15.69 -10.63 -20.33
C LEU B 262 -15.79 -9.86 -21.63
N ALA B 263 -17.02 -9.54 -22.02
CA ALA B 263 -17.29 -8.72 -23.19
C ALA B 263 -16.69 -7.33 -23.00
N SER B 264 -16.94 -6.75 -21.84
CA SER B 264 -16.39 -5.45 -21.50
C SER B 264 -14.84 -5.47 -21.54
N ILE B 265 -14.26 -6.57 -21.04
CA ILE B 265 -12.81 -6.68 -21.00
C ILE B 265 -12.24 -6.61 -22.42
N GLN B 266 -12.80 -7.43 -23.31
CA GLN B 266 -12.42 -7.45 -24.72
C GLN B 266 -12.51 -6.06 -25.36
N SER B 267 -13.54 -5.32 -24.96
CA SER B 267 -13.73 -3.98 -25.50
C SER B 267 -12.66 -3.04 -24.98
N LEU B 268 -12.29 -3.23 -23.73
CA LEU B 268 -11.42 -2.29 -23.04
C LEU B 268 -9.94 -2.34 -23.47
N HIS B 269 -9.47 -3.50 -23.93
CA HIS B 269 -8.07 -3.63 -24.33
C HIS B 269 -7.76 -2.86 -25.63
N LYS B 270 -8.74 -2.82 -26.53
CA LYS B 270 -8.62 -2.16 -27.83
C LYS B 270 -8.58 -0.62 -27.62
N ASN B 271 -8.54 -0.24 -26.34
CA ASN B 271 -8.46 1.12 -25.81
C ASN B 271 -9.50 2.12 -26.33
N PHE B 272 -9.40 3.34 -25.80
CA PHE B 272 -10.47 4.35 -25.83
C PHE B 272 -9.86 5.74 -26.16
N GLY B 273 -10.61 6.86 -26.15
CA GLY B 273 -12.02 6.98 -25.80
C GLY B 273 -12.18 7.74 -24.49
N GLY B 274 -12.68 7.07 -23.45
CA GLY B 274 -12.77 7.66 -22.12
C GLY B 274 -11.48 7.51 -21.34
N LYS B 275 -11.56 7.55 -20.01
CA LYS B 275 -10.35 7.48 -19.18
C LYS B 275 -10.48 6.55 -17.98
N GLN B 276 -10.59 7.16 -16.81
CA GLN B 276 -10.57 6.49 -15.51
C GLN B 276 -11.49 5.27 -15.36
N ILE B 277 -11.04 4.32 -14.55
CA ILE B 277 -11.90 3.28 -13.98
C ILE B 277 -11.51 3.24 -12.50
N LEU B 278 -12.02 4.19 -11.72
CA LEU B 278 -11.50 4.52 -10.40
C LEU B 278 -10.09 5.13 -10.51
N GLY B 279 -9.25 4.48 -11.32
CA GLY B 279 -7.87 4.88 -11.57
C GLY B 279 -7.59 4.51 -13.02
N TYR B 280 -7.08 3.31 -13.35
CA TYR B 280 -6.35 2.32 -12.52
C TYR B 280 -5.69 1.32 -13.51
N THR B 281 -4.88 1.84 -14.43
CA THR B 281 -4.47 1.23 -15.72
C THR B 281 -5.70 1.09 -16.62
N SER B 282 -6.84 1.47 -16.05
CA SER B 282 -8.17 1.03 -16.46
C SER B 282 -8.27 -0.48 -16.27
N LEU B 283 -7.23 -1.24 -16.63
CA LEU B 283 -7.28 -2.70 -16.55
C LEU B 283 -6.15 -3.34 -15.73
N THR B 284 -6.33 -3.39 -14.41
CA THR B 284 -5.38 -4.04 -13.51
C THR B 284 -5.80 -5.43 -13.10
N ASP B 285 -4.79 -6.27 -12.89
CA ASP B 285 -5.01 -7.62 -12.41
C ASP B 285 -4.34 -7.82 -11.05
N GLU B 286 -4.17 -6.73 -10.31
CA GLU B 286 -3.49 -6.77 -9.01
C GLU B 286 -4.43 -7.19 -7.89
N PHE B 287 -5.73 -7.08 -8.14
CA PHE B 287 -6.73 -7.33 -7.09
C PHE B 287 -7.38 -8.70 -7.22
N THR B 288 -7.32 -9.50 -6.15
CA THR B 288 -7.97 -10.78 -6.20
C THR B 288 -9.42 -10.67 -5.77
N THR B 289 -10.18 -11.71 -6.04
CA THR B 289 -11.60 -11.72 -5.69
C THR B 289 -11.77 -11.62 -4.19
N GLY B 290 -10.89 -12.31 -3.47
CA GLY B 290 -10.82 -12.23 -2.02
C GLY B 290 -10.60 -10.82 -1.55
N GLU B 291 -9.58 -10.14 -2.07
CA GLU B 291 -9.30 -8.77 -1.67
C GLU B 291 -10.50 -7.85 -1.86
N VAL B 292 -11.06 -7.88 -3.06
CA VAL B 292 -12.15 -7.01 -3.46
C VAL B 292 -13.36 -7.19 -2.55
N ILE B 293 -13.76 -8.45 -2.35
CA ILE B 293 -14.88 -8.79 -1.49
C ILE B 293 -14.65 -8.24 -0.09
N ARG B 294 -13.39 -8.31 0.36
CA ARG B 294 -13.02 -7.81 1.68
C ARG B 294 -13.13 -6.30 1.82
N GLN B 295 -12.55 -5.55 0.90
CA GLN B 295 -12.67 -4.09 1.00
C GLN B 295 -14.09 -3.61 0.68
N MET B 296 -14.86 -4.48 0.04
CA MET B 296 -16.25 -4.14 -0.24
C MET B 296 -17.13 -4.46 0.98
N TYR B 297 -16.87 -5.56 1.69
CA TYR B 297 -17.80 -6.01 2.74
C TYR B 297 -17.17 -6.61 4.01
N GLY B 298 -15.83 -6.60 4.10
CA GLY B 298 -15.11 -7.04 5.29
C GLY B 298 -15.32 -8.48 5.72
N VAL B 299 -15.15 -9.43 4.79
CA VAL B 299 -15.50 -10.83 5.04
C VAL B 299 -14.46 -11.85 4.57
N ASN B 300 -14.07 -12.78 5.47
CA ASN B 300 -13.32 -14.02 5.15
C ASN B 300 -13.70 -14.51 3.77
N LEU B 301 -12.80 -14.47 2.78
CA LEU B 301 -13.14 -14.84 1.38
C LEU B 301 -14.37 -15.77 1.23
#